data_3PS1
#
_entry.id   3PS1
#
_cell.length_a   107.130
_cell.length_b   107.130
_cell.length_c   52.087
_cell.angle_alpha   90.00
_cell.angle_beta   90.00
_cell.angle_gamma   120.00
#
_symmetry.space_group_name_H-M   'P 61'
#
loop_
_entity.id
_entity.type
_entity.pdbx_description
1 polymer 'UDP-3-O-[3-hydroxymyristoyl] N-acetylglucosamine deacetylase'
2 non-polymer 'ZINC ION'
3 non-polymer 4-[4-(4-aminophenyl)buta-1,3-diyn-1-yl]-N-[(2S,3R)-3-hydroxy-1-(hydroxyamino)-1-oxobutan-2-yl]benzamide
4 non-polymer 4-ethynyl-N-[(1S,2R)-2-hydroxy-1-(oxocarbamoyl)propyl]benzamide
5 non-polymer 'SULFATE ION'
6 non-polymer 'DIMETHYL SULFOXIDE'
7 water water
#
_entity_poly.entity_id   1
_entity_poly.type   'polypeptide(L)'
_entity_poly.pdbx_seq_one_letter_code
;MIKQRTLKRIVQATGVGLHTGKKVTLTLRPAPANTGVIYRRTDLNPPVDFPADAKSVRDTMLCTCLVNEHDVRISTVEHL
NAALAGLGIDNIVIEVNAPEIPIMDGSAAPFVYLLLDAGIDELNCAKKFVRIKETVRVEDGDKWAEFKPYNGFSLDFTID
FNHPAIDSSNQRYAMNFSADAFMRQISRARTFGFMRDIEYLQSRGLCLGGSFDCAIVVDDYRVLNEDGLRFEDEFVRHKM
LDAIGDLFMCGHNIIGAFTAYKSGHALNNKLLQAVLAKQEAWEYVTFQDDAELPLAFKAP
;
_entity_poly.pdbx_strand_id   A
#
# COMPACT_ATOMS: atom_id res chain seq x y z
N MET A 1 -6.45 20.25 -17.77
CA MET A 1 -7.09 19.44 -16.70
C MET A 1 -6.23 18.24 -16.33
N ILE A 2 -6.02 18.04 -15.03
CA ILE A 2 -5.35 16.85 -14.52
C ILE A 2 -6.30 15.68 -14.64
N LYS A 3 -5.91 14.68 -15.42
CA LYS A 3 -6.81 13.60 -15.79
C LYS A 3 -6.58 12.32 -14.99
N GLN A 4 -7.63 11.49 -14.92
CA GLN A 4 -7.52 10.17 -14.32
C GLN A 4 -6.63 9.31 -15.20
N ARG A 5 -6.03 8.28 -14.62
CA ARG A 5 -5.12 7.42 -15.34
C ARG A 5 -5.50 5.96 -15.17
N THR A 6 -5.28 5.18 -16.23
CA THR A 6 -5.43 3.73 -16.16
C THR A 6 -4.25 3.12 -16.92
N LEU A 7 -4.31 1.82 -17.20
CA LEU A 7 -3.25 1.16 -17.94
C LEU A 7 -3.52 1.20 -19.44
N LYS A 8 -2.46 1.13 -20.23
CA LYS A 8 -2.59 1.09 -21.69
C LYS A 8 -2.90 -0.32 -22.16
N ARG A 9 -2.28 -1.30 -21.52
CA ARG A 9 -2.37 -2.69 -21.95
C ARG A 9 -2.53 -3.64 -20.76
N ILE A 10 -3.04 -4.83 -21.05
CA ILE A 10 -3.09 -5.91 -20.08
C ILE A 10 -1.69 -6.50 -19.90
N VAL A 11 -1.26 -6.65 -18.65
CA VAL A 11 0.00 -7.33 -18.37
C VAL A 11 -0.23 -8.40 -17.31
N GLN A 12 0.70 -9.33 -17.19
CA GLN A 12 0.60 -10.34 -16.15
C GLN A 12 1.98 -10.73 -15.62
N ALA A 13 2.00 -11.25 -14.41
CA ALA A 13 3.23 -11.74 -13.80
C ALA A 13 2.87 -12.91 -12.91
N THR A 14 3.87 -13.69 -12.51
CA THR A 14 3.63 -14.83 -11.65
C THR A 14 4.54 -14.77 -10.44
N GLY A 15 4.05 -15.26 -9.31
CA GLY A 15 4.82 -15.28 -8.08
C GLY A 15 4.11 -16.05 -6.99
N VAL A 16 4.86 -16.51 -6.00
CA VAL A 16 4.31 -17.29 -4.91
C VAL A 16 3.45 -16.45 -3.99
N GLY A 17 2.38 -17.04 -3.47
CA GLY A 17 1.58 -16.40 -2.44
C GLY A 17 2.23 -16.61 -1.08
N LEU A 18 2.32 -15.56 -0.29
CA LEU A 18 2.91 -15.65 1.04
C LEU A 18 2.23 -16.71 1.90
N HIS A 19 0.90 -16.76 1.84
CA HIS A 19 0.13 -17.70 2.65
C HIS A 19 0.20 -19.12 2.12
N THR A 20 -0.16 -19.30 0.85
CA THR A 20 -0.37 -20.62 0.28
C THR A 20 0.93 -21.29 -0.18
N GLY A 21 1.92 -20.48 -0.53
CA GLY A 21 3.16 -21.01 -1.08
C GLY A 21 2.96 -21.52 -2.50
N LYS A 22 1.79 -21.24 -3.06
CA LYS A 22 1.44 -21.68 -4.42
C LYS A 22 1.71 -20.58 -5.44
N LYS A 23 1.90 -20.98 -6.70
CA LYS A 23 2.11 -20.03 -7.79
C LYS A 23 0.82 -19.26 -8.08
N VAL A 24 0.90 -17.94 -8.03
CA VAL A 24 -0.24 -17.08 -8.31
C VAL A 24 0.02 -16.28 -9.58
N THR A 25 -0.97 -16.23 -10.46
CA THR A 25 -0.88 -15.42 -11.67
C THR A 25 -1.65 -14.12 -11.47
N LEU A 26 -0.92 -13.01 -11.57
CA LEU A 26 -1.47 -11.67 -11.39
C LEU A 26 -1.68 -11.01 -12.75
N THR A 27 -2.89 -10.56 -13.02
CA THR A 27 -3.21 -9.89 -14.27
C THR A 27 -3.71 -8.49 -13.98
N LEU A 28 -3.08 -7.48 -14.59
CA LEU A 28 -3.51 -6.09 -14.44
C LEU A 28 -4.18 -5.63 -15.72
N ARG A 29 -5.35 -5.03 -15.60
CA ARG A 29 -6.15 -4.64 -16.75
C ARG A 29 -6.53 -3.18 -16.73
N PRO A 30 -6.54 -2.53 -17.91
CA PRO A 30 -7.12 -1.19 -18.04
C PRO A 30 -8.59 -1.18 -17.64
N ALA A 31 -9.07 -0.04 -17.16
CA ALA A 31 -10.47 0.12 -16.80
C ALA A 31 -10.92 1.54 -17.11
N PRO A 32 -12.23 1.74 -17.32
CA PRO A 32 -12.74 3.05 -17.72
C PRO A 32 -12.76 4.05 -16.57
N ALA A 33 -13.04 5.31 -16.90
CA ALA A 33 -13.04 6.40 -15.92
C ALA A 33 -13.99 6.13 -14.77
N ASN A 34 -13.59 6.58 -13.58
CA ASN A 34 -14.44 6.57 -12.40
C ASN A 34 -14.75 5.19 -11.79
N THR A 35 -14.27 4.12 -12.41
CA THR A 35 -14.56 2.78 -11.90
C THR A 35 -13.68 2.41 -10.72
N GLY A 36 -12.53 3.08 -10.60
CA GLY A 36 -11.68 2.93 -9.44
C GLY A 36 -10.81 1.68 -9.46
N VAL A 37 -10.29 1.33 -8.29
CA VAL A 37 -9.43 0.16 -8.16
C VAL A 37 -10.27 -1.03 -7.73
N ILE A 38 -10.24 -2.09 -8.52
CA ILE A 38 -11.01 -3.29 -8.21
C ILE A 38 -10.09 -4.50 -8.17
N TYR A 39 -10.05 -5.18 -7.03
CA TYR A 39 -9.34 -6.45 -6.93
C TYR A 39 -10.32 -7.57 -7.23
N ARG A 40 -9.86 -8.63 -7.88
CA ARG A 40 -10.77 -9.67 -8.34
C ARG A 40 -10.14 -11.04 -8.17
N ARG A 41 -10.86 -11.96 -7.54
CA ARG A 41 -10.43 -13.34 -7.44
C ARG A 41 -11.07 -14.15 -8.56
N THR A 42 -10.24 -14.85 -9.32
CA THR A 42 -10.73 -15.66 -10.43
C THR A 42 -10.50 -17.14 -10.19
N ASP A 43 -9.99 -17.50 -9.01
CA ASP A 43 -9.96 -18.90 -8.63
C ASP A 43 -11.40 -19.32 -8.32
N LEU A 44 -12.10 -18.48 -7.57
CA LEU A 44 -13.53 -18.67 -7.34
C LEU A 44 -14.28 -18.58 -8.65
N ASN A 45 -15.37 -19.34 -8.76
CA ASN A 45 -16.19 -19.34 -9.95
C ASN A 45 -17.66 -19.39 -9.55
N PRO A 46 -18.41 -18.30 -9.84
CA PRO A 46 -17.96 -17.12 -10.57
C PRO A 46 -16.93 -16.29 -9.81
N PRO A 47 -16.16 -15.47 -10.53
CA PRO A 47 -15.15 -14.61 -9.89
C PRO A 47 -15.78 -13.58 -8.97
N VAL A 48 -15.01 -13.07 -8.01
CA VAL A 48 -15.52 -12.14 -7.02
C VAL A 48 -14.76 -10.82 -7.05
N ASP A 49 -15.49 -9.72 -7.07
CA ASP A 49 -14.90 -8.39 -7.10
C ASP A 49 -14.82 -7.79 -5.71
N PHE A 50 -13.70 -7.13 -5.43
CA PHE A 50 -13.47 -6.43 -4.18
C PHE A 50 -13.05 -5.00 -4.49
N PRO A 51 -14.03 -4.10 -4.62
CA PRO A 51 -13.63 -2.70 -4.83
C PRO A 51 -12.82 -2.21 -3.64
N ALA A 52 -11.69 -1.57 -3.90
CA ALA A 52 -10.89 -1.01 -2.83
C ALA A 52 -11.69 0.08 -2.14
N ASP A 53 -11.97 -0.13 -0.86
CA ASP A 53 -12.80 0.78 -0.09
C ASP A 53 -12.30 0.70 1.35
N ALA A 54 -12.20 1.85 2.01
CA ALA A 54 -11.68 1.89 3.37
C ALA A 54 -12.45 0.96 4.29
N LYS A 55 -13.76 0.89 4.09
CA LYS A 55 -14.63 0.12 4.97
C LYS A 55 -14.46 -1.38 4.80
N SER A 56 -13.86 -1.79 3.69
CA SER A 56 -13.76 -3.21 3.36
C SER A 56 -12.45 -3.83 3.86
N VAL A 57 -11.59 -3.02 4.45
CA VAL A 57 -10.27 -3.50 4.89
C VAL A 57 -10.32 -4.24 6.22
N ARG A 58 -9.47 -5.24 6.35
CA ARG A 58 -9.24 -5.93 7.62
C ARG A 58 -7.74 -6.14 7.81
N ASP A 59 -7.24 -5.91 9.01
CA ASP A 59 -5.83 -6.16 9.29
C ASP A 59 -5.65 -7.57 9.82
N THR A 60 -5.25 -8.48 8.94
CA THR A 60 -5.04 -9.87 9.31
C THR A 60 -3.65 -10.07 9.90
N MET A 61 -3.41 -11.23 10.49
CA MET A 61 -2.13 -11.50 11.15
C MET A 61 -0.97 -11.25 10.19
N LEU A 62 -1.15 -11.69 8.94
CA LEU A 62 -0.18 -11.43 7.88
C LEU A 62 -0.70 -10.36 6.95
N CYS A 63 -0.03 -9.21 6.92
CA CYS A 63 -0.39 -8.16 5.97
C CYS A 63 -1.84 -7.71 6.17
N THR A 64 -2.56 -7.45 5.09
CA THR A 64 -3.97 -7.04 5.20
C THR A 64 -4.83 -7.77 4.18
N CYS A 65 -6.14 -7.53 4.22
CA CYS A 65 -7.05 -8.13 3.25
C CYS A 65 -8.29 -7.25 3.04
N LEU A 66 -8.99 -7.50 1.94
CA LEU A 66 -10.29 -6.90 1.68
C LEU A 66 -11.34 -7.98 1.81
N VAL A 67 -12.53 -7.62 2.27
CA VAL A 67 -13.63 -8.59 2.35
C VAL A 67 -14.85 -8.08 1.60
N ASN A 68 -15.69 -9.03 1.16
CA ASN A 68 -16.96 -8.67 0.57
C ASN A 68 -18.09 -8.94 1.56
N GLU A 69 -19.32 -8.81 1.09
CA GLU A 69 -20.52 -8.94 1.92
C GLU A 69 -20.60 -10.26 2.67
N HIS A 70 -19.94 -11.29 2.13
CA HIS A 70 -20.05 -12.64 2.67
C HIS A 70 -18.78 -13.09 3.37
N ASP A 71 -17.90 -12.13 3.66
CA ASP A 71 -16.64 -12.38 4.36
C ASP A 71 -15.67 -13.24 3.57
N VAL A 72 -15.86 -13.32 2.26
CA VAL A 72 -14.83 -13.84 1.38
C VAL A 72 -13.74 -12.78 1.30
N ARG A 73 -12.49 -13.20 1.20
CA ARG A 73 -11.37 -12.27 1.29
C ARG A 73 -10.45 -12.31 0.09
N ILE A 74 -9.71 -11.22 -0.11
CA ILE A 74 -8.52 -11.25 -0.94
C ILE A 74 -7.41 -10.59 -0.12
N SER A 75 -6.25 -11.22 -0.05
CA SER A 75 -5.22 -10.81 0.92
C SER A 75 -3.95 -10.26 0.29
N THR A 76 -3.17 -9.57 1.10
CA THR A 76 -1.87 -9.04 0.71
C THR A 76 -1.98 -8.03 -0.43
N VAL A 77 -2.92 -7.09 -0.31
CA VAL A 77 -3.15 -6.12 -1.38
C VAL A 77 -2.34 -4.85 -1.21
N GLU A 78 -1.78 -4.62 -0.02
CA GLU A 78 -1.29 -3.29 0.34
C GLU A 78 0.00 -2.85 -0.37
N HIS A 79 0.88 -3.79 -0.72
CA HIS A 79 2.12 -3.40 -1.38
C HIS A 79 1.87 -3.00 -2.82
N LEU A 80 1.04 -3.77 -3.52
CA LEU A 80 0.62 -3.41 -4.86
C LEU A 80 -0.16 -2.10 -4.81
N ASN A 81 -1.00 -1.96 -3.78
CA ASN A 81 -1.81 -0.75 -3.63
C ASN A 81 -0.93 0.48 -3.46
N ALA A 82 0.20 0.32 -2.78
CA ALA A 82 1.15 1.41 -2.59
C ALA A 82 1.76 1.82 -3.93
N ALA A 83 2.04 0.84 -4.79
CA ALA A 83 2.60 1.12 -6.11
C ALA A 83 1.59 1.88 -6.98
N LEU A 84 0.31 1.52 -6.86
CA LEU A 84 -0.73 2.23 -7.60
C LEU A 84 -0.73 3.70 -7.19
N ALA A 85 -0.67 3.94 -5.89
CA ALA A 85 -0.64 5.31 -5.37
C ALA A 85 0.58 6.04 -5.91
N GLY A 86 1.73 5.38 -5.88
CA GLY A 86 2.98 5.97 -6.33
C GLY A 86 2.92 6.44 -7.78
N LEU A 87 2.34 5.64 -8.66
CA LEU A 87 2.29 5.97 -10.08
C LEU A 87 1.00 6.68 -10.46
N GLY A 88 0.13 6.90 -9.48
CA GLY A 88 -1.11 7.64 -9.70
C GLY A 88 -2.13 6.92 -10.56
N ILE A 89 -2.21 5.59 -10.41
CA ILE A 89 -3.21 4.82 -11.12
C ILE A 89 -4.57 4.97 -10.43
N ASP A 90 -5.57 5.45 -11.16
CA ASP A 90 -6.88 5.72 -10.59
C ASP A 90 -7.87 4.59 -10.85
N ASN A 91 -7.82 4.03 -12.05
CA ASN A 91 -8.76 2.99 -12.45
C ASN A 91 -8.02 1.78 -12.98
N ILE A 92 -8.35 0.61 -12.45
CA ILE A 92 -7.62 -0.60 -12.79
C ILE A 92 -8.36 -1.82 -12.26
N VAL A 93 -8.30 -2.92 -13.00
CA VAL A 93 -8.77 -4.20 -12.49
C VAL A 93 -7.59 -5.11 -12.25
N ILE A 94 -7.51 -5.66 -11.04
CA ILE A 94 -6.40 -6.50 -10.63
C ILE A 94 -6.93 -7.89 -10.34
N GLU A 95 -6.54 -8.86 -11.15
CA GLU A 95 -7.04 -10.22 -11.01
C GLU A 95 -5.95 -11.16 -10.50
N VAL A 96 -6.31 -12.05 -9.60
CA VAL A 96 -5.44 -13.16 -9.24
C VAL A 96 -6.23 -14.45 -9.21
N ASN A 97 -5.63 -15.54 -9.68
CA ASN A 97 -6.26 -16.84 -9.65
C ASN A 97 -5.98 -17.53 -8.32
N ALA A 98 -6.07 -16.75 -7.25
CA ALA A 98 -5.74 -17.22 -5.91
C ALA A 98 -6.37 -16.31 -4.88
N PRO A 99 -6.26 -16.67 -3.59
CA PRO A 99 -6.82 -15.85 -2.51
C PRO A 99 -5.95 -14.65 -2.14
N GLU A 100 -4.81 -14.47 -2.81
CA GLU A 100 -3.86 -13.43 -2.42
C GLU A 100 -3.04 -12.90 -3.59
N ILE A 101 -2.57 -11.67 -3.45
CA ILE A 101 -1.60 -11.10 -4.38
C ILE A 101 -0.23 -11.73 -4.10
N PRO A 102 0.53 -12.06 -5.16
CA PRO A 102 1.85 -12.64 -4.90
C PRO A 102 2.72 -11.69 -4.08
N ILE A 103 3.54 -12.24 -3.19
CA ILE A 103 4.36 -11.43 -2.30
C ILE A 103 5.58 -10.83 -3.01
N MET A 104 6.00 -11.46 -4.10
CA MET A 104 7.17 -11.01 -4.86
C MET A 104 8.39 -10.95 -3.93
N ASP A 105 9.14 -9.85 -3.94
CA ASP A 105 10.34 -9.76 -3.11
C ASP A 105 10.06 -9.10 -1.76
N GLY A 106 8.78 -8.88 -1.46
CA GLY A 106 8.39 -8.32 -0.18
C GLY A 106 8.23 -6.81 -0.22
N SER A 107 8.56 -6.21 -1.34
CA SER A 107 8.44 -4.76 -1.51
C SER A 107 7.42 -4.43 -2.59
N ALA A 108 7.39 -3.16 -3.00
CA ALA A 108 6.48 -2.72 -4.05
C ALA A 108 7.17 -2.62 -5.40
N ALA A 109 8.50 -2.75 -5.40
CA ALA A 109 9.30 -2.46 -6.60
C ALA A 109 8.92 -3.34 -7.80
N PRO A 110 8.70 -4.64 -7.58
CA PRO A 110 8.33 -5.46 -8.73
C PRO A 110 7.02 -5.01 -9.40
N PHE A 111 6.11 -4.43 -8.62
CA PHE A 111 4.85 -3.94 -9.17
C PHE A 111 5.05 -2.65 -9.95
N VAL A 112 6.05 -1.88 -9.56
CA VAL A 112 6.38 -0.66 -10.27
C VAL A 112 6.75 -0.98 -11.71
N TYR A 113 7.64 -1.95 -11.89
CA TYR A 113 8.07 -2.36 -13.22
C TYR A 113 6.92 -2.96 -14.01
N LEU A 114 6.06 -3.71 -13.35
CA LEU A 114 4.92 -4.33 -14.01
C LEU A 114 3.96 -3.26 -14.54
N LEU A 115 3.74 -2.22 -13.73
CA LEU A 115 2.87 -1.13 -14.12
C LEU A 115 3.48 -0.33 -15.27
N LEU A 116 4.79 -0.15 -15.23
CA LEU A 116 5.49 0.53 -16.32
C LEU A 116 5.33 -0.25 -17.62
N ASP A 117 5.39 -1.58 -17.53
CA ASP A 117 5.16 -2.45 -18.68
C ASP A 117 3.79 -2.19 -19.29
N ALA A 118 2.79 -1.96 -18.44
CA ALA A 118 1.42 -1.81 -18.89
C ALA A 118 1.16 -0.43 -19.50
N GLY A 119 2.01 0.54 -19.16
CA GLY A 119 1.87 1.89 -19.67
C GLY A 119 0.78 2.66 -18.96
N ILE A 120 0.88 3.98 -19.01
CA ILE A 120 -0.14 4.84 -18.42
C ILE A 120 -0.98 5.52 -19.50
N ASP A 121 -2.29 5.38 -19.40
CA ASP A 121 -3.21 5.96 -20.36
C ASP A 121 -4.09 6.99 -19.68
N GLU A 122 -4.03 8.23 -20.16
CA GLU A 122 -4.85 9.30 -19.58
C GLU A 122 -6.26 9.29 -20.17
N LEU A 123 -7.24 9.34 -19.29
CA LEU A 123 -8.66 9.36 -19.69
C LEU A 123 -9.18 10.78 -19.61
N ASN A 124 -10.17 11.10 -20.44
CA ASN A 124 -10.75 12.44 -20.46
C ASN A 124 -11.74 12.65 -19.34
N CYS A 125 -11.24 12.74 -18.11
CA CYS A 125 -12.08 12.96 -16.94
C CYS A 125 -11.21 13.42 -15.77
N ALA A 126 -11.68 14.43 -15.06
CA ALA A 126 -10.88 15.03 -13.98
C ALA A 126 -10.54 14.03 -12.89
N LYS A 127 -9.27 14.03 -12.48
CA LYS A 127 -8.82 13.20 -11.38
C LYS A 127 -9.18 13.88 -10.05
N LYS A 128 -9.90 13.16 -9.20
CA LYS A 128 -10.36 13.72 -7.92
C LYS A 128 -9.39 13.43 -6.78
N PHE A 129 -9.01 14.48 -6.06
CA PHE A 129 -8.17 14.35 -4.88
C PHE A 129 -8.99 14.59 -3.62
N VAL A 130 -8.59 13.95 -2.53
CA VAL A 130 -9.21 14.20 -1.24
C VAL A 130 -8.37 15.22 -0.47
N ARG A 131 -8.86 16.44 -0.39
CA ARG A 131 -8.14 17.50 0.30
C ARG A 131 -8.57 17.61 1.76
N ILE A 132 -7.60 17.46 2.66
CA ILE A 132 -7.84 17.58 4.09
C ILE A 132 -8.18 19.03 4.47
N LYS A 133 -9.31 19.20 5.14
CA LYS A 133 -9.79 20.54 5.52
C LYS A 133 -9.65 20.77 7.02
N GLU A 134 -9.83 19.72 7.80
CA GLU A 134 -9.72 19.81 9.24
C GLU A 134 -8.70 18.80 9.76
N THR A 135 -8.14 19.10 10.93
CA THR A 135 -7.23 18.17 11.57
C THR A 135 -8.05 17.01 12.15
N VAL A 136 -7.64 15.79 11.81
CA VAL A 136 -8.34 14.60 12.26
C VAL A 136 -7.32 13.65 12.89
N ARG A 137 -7.63 13.17 14.09
CA ARG A 137 -6.68 12.36 14.84
C ARG A 137 -7.35 11.14 15.45
N VAL A 138 -6.68 10.00 15.39
CA VAL A 138 -7.18 8.77 15.99
C VAL A 138 -6.09 8.18 16.88
N GLU A 139 -6.50 7.38 17.87
CA GLU A 139 -5.55 6.84 18.83
C GLU A 139 -5.85 5.39 19.19
N ASP A 140 -4.83 4.70 19.68
CA ASP A 140 -4.95 3.35 20.22
C ASP A 140 -3.82 3.14 21.22
N GLY A 141 -4.09 3.42 22.49
CA GLY A 141 -3.06 3.40 23.50
C GLY A 141 -2.10 4.54 23.30
N ASP A 142 -0.80 4.25 23.30
CA ASP A 142 0.22 5.27 23.08
C ASP A 142 0.44 5.52 21.59
N LYS A 143 -0.31 4.80 20.76
CA LYS A 143 -0.21 4.93 19.32
C LYS A 143 -1.21 5.96 18.82
N TRP A 144 -0.83 6.71 17.78
CA TRP A 144 -1.74 7.66 17.18
C TRP A 144 -1.41 7.91 15.71
N ALA A 145 -2.40 8.42 14.98
CA ALA A 145 -2.21 8.82 13.60
C ALA A 145 -3.12 10.00 13.33
N GLU A 146 -2.65 10.96 12.54
CA GLU A 146 -3.47 12.14 12.28
C GLU A 146 -3.20 12.73 10.90
N PHE A 147 -4.22 13.38 10.36
CA PHE A 147 -4.10 14.15 9.12
C PHE A 147 -4.31 15.63 9.44
N LYS A 148 -3.49 16.48 8.84
CA LYS A 148 -3.64 17.92 9.01
C LYS A 148 -3.68 18.60 7.65
N PRO A 149 -4.38 19.73 7.55
CA PRO A 149 -4.37 20.46 6.28
C PRO A 149 -2.96 20.83 5.84
N TYR A 150 -2.69 20.72 4.55
CA TYR A 150 -1.36 20.97 4.01
C TYR A 150 -1.42 20.88 2.49
N ASN A 151 -0.87 21.86 1.81
CA ASN A 151 -0.93 21.90 0.35
C ASN A 151 0.13 21.02 -0.30
N GLY A 152 -0.10 19.73 -0.25
CA GLY A 152 0.83 18.74 -0.77
C GLY A 152 0.51 17.41 -0.14
N PHE A 153 1.50 16.52 -0.07
CA PHE A 153 1.33 15.25 0.63
C PHE A 153 2.63 14.89 1.32
N SER A 154 2.64 15.00 2.65
CA SER A 154 3.82 14.64 3.42
C SER A 154 3.48 13.50 4.37
N LEU A 155 4.45 12.65 4.66
CA LEU A 155 4.28 11.58 5.62
C LEU A 155 5.41 11.63 6.63
N ASP A 156 5.04 11.57 7.91
CA ASP A 156 6.02 11.60 9.00
C ASP A 156 5.77 10.43 9.91
N PHE A 157 6.58 9.39 9.78
CA PHE A 157 6.33 8.12 10.43
C PHE A 157 7.40 7.80 11.47
N THR A 158 6.97 7.50 12.69
CA THR A 158 7.87 7.00 13.71
C THR A 158 7.45 5.60 14.14
N ILE A 159 8.41 4.70 14.21
CA ILE A 159 8.18 3.33 14.63
C ILE A 159 8.80 3.13 16.01
N ASP A 160 8.25 2.24 16.82
CA ASP A 160 8.76 2.08 18.16
C ASP A 160 9.44 0.74 18.32
N PHE A 161 10.46 0.55 17.52
CA PHE A 161 11.23 -0.69 17.49
C PHE A 161 12.18 -0.80 18.69
N ASN A 162 12.30 -2.00 19.23
CA ASN A 162 13.19 -2.26 20.35
C ASN A 162 14.14 -3.41 20.06
N HIS A 163 14.29 -3.74 18.78
CA HIS A 163 15.12 -4.86 18.37
C HIS A 163 16.57 -4.43 18.19
N PRO A 164 17.52 -5.30 18.59
CA PRO A 164 18.95 -5.01 18.48
C PRO A 164 19.40 -4.65 17.06
N ALA A 165 18.67 -5.14 16.06
CA ALA A 165 19.05 -4.95 14.68
C ALA A 165 18.51 -3.65 14.09
N ILE A 166 17.70 -2.94 14.86
CA ILE A 166 17.19 -1.64 14.46
C ILE A 166 17.71 -0.56 15.40
N ASP A 167 18.61 0.29 14.90
CA ASP A 167 19.20 1.33 15.72
C ASP A 167 18.20 2.46 15.95
N SER A 168 18.37 3.19 17.04
CA SER A 168 17.53 4.34 17.34
C SER A 168 17.64 5.38 16.24
N SER A 169 18.80 5.41 15.60
CA SER A 169 19.07 6.33 14.49
C SER A 169 18.11 6.10 13.32
N ASN A 170 17.40 4.98 13.35
CA ASN A 170 16.51 4.61 12.26
C ASN A 170 15.09 4.30 12.73
N GLN A 171 14.59 5.11 13.66
CA GLN A 171 13.27 4.89 14.25
C GLN A 171 12.21 5.75 13.57
N ARG A 172 12.62 6.61 12.66
CA ARG A 172 11.68 7.54 12.05
C ARG A 172 12.06 7.87 10.61
N TYR A 173 11.06 8.16 9.80
CA TYR A 173 11.26 8.55 8.43
C TYR A 173 10.20 9.56 8.02
N ALA A 174 10.61 10.58 7.27
CA ALA A 174 9.69 11.63 6.84
C ALA A 174 10.01 12.01 5.42
N MET A 175 8.97 12.21 4.60
CA MET A 175 9.18 12.46 3.19
C MET A 175 8.09 13.33 2.59
N ASN A 176 8.43 14.01 1.50
CA ASN A 176 7.43 14.64 0.65
C ASN A 176 7.12 13.69 -0.49
N PHE A 177 5.87 13.22 -0.55
CA PHE A 177 5.47 12.23 -1.53
C PHE A 177 5.59 12.76 -2.94
N SER A 178 6.03 11.88 -3.84
CA SER A 178 6.00 12.13 -5.28
C SER A 178 6.27 10.79 -5.94
N ALA A 179 5.98 10.67 -7.22
CA ALA A 179 6.17 9.40 -7.91
C ALA A 179 7.65 9.00 -7.86
N ASP A 180 8.53 9.96 -8.12
CA ASP A 180 9.97 9.70 -8.11
C ASP A 180 10.46 9.36 -6.71
N ALA A 181 9.97 10.08 -5.71
CA ALA A 181 10.40 9.84 -4.34
C ALA A 181 9.91 8.48 -3.86
N PHE A 182 8.70 8.10 -4.26
CA PHE A 182 8.18 6.80 -3.88
C PHE A 182 9.02 5.70 -4.51
N MET A 183 9.30 5.83 -5.80
CA MET A 183 10.00 4.79 -6.55
C MET A 183 11.42 4.58 -6.04
N ARG A 184 12.12 5.66 -5.74
CA ARG A 184 13.54 5.58 -5.39
C ARG A 184 13.80 5.40 -3.89
N GLN A 185 12.98 6.02 -3.06
CA GLN A 185 13.22 6.00 -1.63
C GLN A 185 12.42 4.91 -0.90
N ILE A 186 11.24 4.55 -1.42
CA ILE A 186 10.32 3.70 -0.66
C ILE A 186 10.04 2.33 -1.28
N SER A 187 9.89 2.27 -2.60
CA SER A 187 9.31 1.09 -3.24
C SER A 187 10.12 -0.19 -3.01
N ARG A 188 11.44 -0.06 -2.85
CA ARG A 188 12.29 -1.25 -2.69
C ARG A 188 12.41 -1.75 -1.25
N ALA A 189 11.83 -1.03 -0.29
CA ALA A 189 11.91 -1.44 1.10
C ALA A 189 11.03 -2.66 1.34
N ARG A 190 11.64 -3.74 1.83
CA ARG A 190 10.95 -5.02 2.00
C ARG A 190 10.23 -5.13 3.34
N THR A 191 9.19 -5.95 3.34
CA THR A 191 8.51 -6.34 4.58
C THR A 191 9.48 -7.16 5.42
N PHE A 192 9.12 -7.40 6.67
CA PHE A 192 10.02 -8.06 7.60
C PHE A 192 9.24 -8.87 8.63
N GLY A 193 9.91 -9.84 9.24
CA GLY A 193 9.28 -10.67 10.25
C GLY A 193 10.28 -11.36 11.16
N PHE A 194 9.75 -11.89 12.26
CA PHE A 194 10.54 -12.55 13.29
C PHE A 194 10.60 -14.05 13.01
N MET A 195 11.80 -14.61 12.90
CA MET A 195 11.96 -15.98 12.40
C MET A 195 11.20 -17.02 13.22
N ARG A 196 11.22 -16.90 14.54
CA ARG A 196 10.54 -17.88 15.39
C ARG A 196 9.03 -17.87 15.12
N ASP A 197 8.47 -16.68 14.92
CA ASP A 197 7.05 -16.56 14.62
C ASP A 197 6.74 -17.21 13.28
N ILE A 198 7.59 -16.97 12.30
CA ILE A 198 7.41 -17.53 10.96
C ILE A 198 7.51 -19.04 11.00
N GLU A 199 8.48 -19.55 11.77
CA GLU A 199 8.63 -20.99 11.97
C GLU A 199 7.34 -21.57 12.52
N TYR A 200 6.77 -20.91 13.52
CA TYR A 200 5.54 -21.40 14.13
C TYR A 200 4.42 -21.43 13.11
N LEU A 201 4.28 -20.35 12.35
CA LEU A 201 3.21 -20.25 11.37
C LEU A 201 3.32 -21.38 10.35
N GLN A 202 4.53 -21.64 9.89
CA GLN A 202 4.77 -22.68 8.88
C GLN A 202 4.55 -24.08 9.47
N SER A 203 4.76 -24.22 10.77
CA SER A 203 4.53 -25.49 11.45
C SER A 203 3.02 -25.76 11.54
N ARG A 204 2.23 -24.71 11.33
CA ARG A 204 0.78 -24.81 11.35
C ARG A 204 0.21 -24.74 9.93
N GLY A 205 1.09 -24.85 8.94
CA GLY A 205 0.66 -24.84 7.55
C GLY A 205 0.33 -23.45 7.01
N LEU A 206 0.88 -22.43 7.64
CA LEU A 206 0.66 -21.05 7.22
C LEU A 206 1.95 -20.39 6.77
N CYS A 207 1.83 -19.23 6.12
CA CYS A 207 2.99 -18.47 5.69
C CYS A 207 3.93 -19.36 4.87
N LEU A 208 3.34 -20.25 4.06
CA LEU A 208 4.11 -21.27 3.36
C LEU A 208 4.95 -20.73 2.20
N GLY A 209 4.65 -19.52 1.75
CA GLY A 209 5.43 -18.89 0.69
C GLY A 209 6.59 -18.07 1.22
N GLY A 210 6.71 -18.00 2.55
CA GLY A 210 7.78 -17.25 3.17
C GLY A 210 9.15 -17.77 2.79
N SER A 211 10.07 -16.85 2.53
CA SER A 211 11.46 -17.20 2.24
C SER A 211 12.33 -15.95 2.39
N PHE A 212 13.65 -16.14 2.35
CA PHE A 212 14.57 -15.00 2.37
C PHE A 212 14.38 -14.13 1.14
N ASP A 213 13.80 -14.69 0.08
CA ASP A 213 13.60 -13.95 -1.17
C ASP A 213 12.41 -12.99 -1.11
N CYS A 214 11.60 -13.07 -0.05
CA CYS A 214 10.41 -12.22 0.02
C CYS A 214 10.29 -11.42 1.31
N ALA A 215 11.29 -11.51 2.18
CA ALA A 215 11.22 -10.76 3.44
C ALA A 215 12.56 -10.64 4.13
N ILE A 216 12.74 -9.53 4.85
CA ILE A 216 13.79 -9.42 5.85
C ILE A 216 13.38 -10.25 7.04
N VAL A 217 14.24 -11.14 7.48
CA VAL A 217 13.93 -11.98 8.63
C VAL A 217 15.01 -11.79 9.69
N VAL A 218 14.59 -11.53 10.92
CA VAL A 218 15.53 -11.39 12.02
C VAL A 218 15.28 -12.47 13.06
N ASP A 219 16.31 -12.91 13.76
CA ASP A 219 16.10 -13.69 14.97
C ASP A 219 16.06 -12.70 16.13
N ASP A 220 16.45 -13.11 17.33
CA ASP A 220 16.41 -12.20 18.48
C ASP A 220 17.43 -11.07 18.35
N TYR A 221 18.45 -11.28 17.53
CA TYR A 221 19.66 -10.44 17.59
C TYR A 221 20.05 -9.75 16.28
N ARG A 222 19.74 -10.35 15.15
CA ARG A 222 20.28 -9.84 13.89
C ARG A 222 19.48 -10.22 12.65
N VAL A 223 19.69 -9.46 11.58
CA VAL A 223 19.14 -9.78 10.28
C VAL A 223 19.80 -11.06 9.77
N LEU A 224 18.99 -12.01 9.34
CA LEU A 224 19.49 -13.31 8.91
C LEU A 224 19.83 -13.32 7.41
N ASN A 225 19.19 -12.46 6.64
CA ASN A 225 19.45 -12.39 5.21
C ASN A 225 20.92 -12.15 4.93
N GLU A 226 21.48 -12.98 4.05
CA GLU A 226 22.91 -12.96 3.77
C GLU A 226 23.40 -11.56 3.37
N ASP A 227 22.65 -10.88 2.51
CA ASP A 227 23.07 -9.61 1.96
C ASP A 227 22.71 -8.40 2.83
N GLY A 228 22.03 -8.64 3.94
CA GLY A 228 21.67 -7.57 4.84
C GLY A 228 20.54 -6.70 4.32
N LEU A 229 20.58 -5.42 4.64
CA LEU A 229 19.49 -4.50 4.30
C LEU A 229 19.79 -3.66 3.07
N ARG A 230 18.73 -3.30 2.34
CA ARG A 230 18.83 -2.43 1.18
C ARG A 230 19.00 -0.98 1.62
N PHE A 231 18.51 -0.69 2.82
CA PHE A 231 18.68 0.62 3.45
C PHE A 231 18.96 0.41 4.93
N GLU A 232 19.78 1.27 5.54
CA GLU A 232 20.04 1.14 6.96
C GLU A 232 18.72 1.26 7.75
N ASP A 233 17.79 2.04 7.21
CA ASP A 233 16.49 2.23 7.84
C ASP A 233 15.38 1.60 6.99
N GLU A 234 15.62 0.38 6.52
CA GLU A 234 14.68 -0.29 5.63
C GLU A 234 13.36 -0.61 6.32
N PHE A 235 13.41 -0.90 7.62
CA PHE A 235 12.20 -1.28 8.35
C PHE A 235 11.17 -0.15 8.34
N VAL A 236 11.61 1.04 8.73
CA VAL A 236 10.70 2.17 8.82
C VAL A 236 10.26 2.62 7.43
N ARG A 237 11.15 2.50 6.45
CA ARG A 237 10.78 2.80 5.06
C ARG A 237 9.66 1.88 4.60
N HIS A 238 9.70 0.61 4.99
CA HIS A 238 8.64 -0.29 4.57
C HIS A 238 7.33 0.05 5.26
N LYS A 239 7.41 0.48 6.51
CA LYS A 239 6.20 0.83 7.24
C LYS A 239 5.54 2.07 6.61
N MET A 240 6.34 2.94 5.99
CA MET A 240 5.78 4.07 5.26
C MET A 240 5.17 3.58 3.94
N LEU A 241 5.82 2.61 3.32
CA LEU A 241 5.28 1.96 2.14
C LEU A 241 3.89 1.42 2.48
N ASP A 242 3.79 0.74 3.62
CA ASP A 242 2.53 0.17 4.07
C ASP A 242 1.51 1.29 4.36
N ALA A 243 1.96 2.39 4.93
CA ALA A 243 1.08 3.53 5.20
C ALA A 243 0.48 4.07 3.91
N ILE A 244 1.30 4.19 2.88
CA ILE A 244 0.87 4.70 1.59
C ILE A 244 -0.17 3.78 0.96
N GLY A 245 0.05 2.47 1.07
CA GLY A 245 -0.90 1.49 0.56
C GLY A 245 -2.20 1.49 1.33
N ASP A 246 -2.12 1.66 2.65
CA ASP A 246 -3.31 1.70 3.51
C ASP A 246 -4.16 2.90 3.16
N LEU A 247 -3.53 4.06 3.05
CA LEU A 247 -4.25 5.30 2.79
C LEU A 247 -4.87 5.33 1.40
N PHE A 248 -4.26 4.62 0.44
CA PHE A 248 -4.80 4.59 -0.92
C PHE A 248 -5.97 3.63 -1.06
N MET A 249 -6.38 3.01 0.04
CA MET A 249 -7.53 2.12 0.01
C MET A 249 -8.84 2.88 -0.30
N CYS A 250 -8.79 4.20 -0.21
CA CYS A 250 -9.95 5.02 -0.56
C CYS A 250 -10.02 5.27 -2.07
N GLY A 251 -8.92 4.99 -2.77
CA GLY A 251 -8.88 5.08 -4.21
C GLY A 251 -8.54 6.47 -4.72
N HIS A 252 -8.17 7.35 -3.80
CA HIS A 252 -7.82 8.72 -4.16
C HIS A 252 -6.55 9.16 -3.46
N ASN A 253 -5.70 9.89 -4.18
CA ASN A 253 -4.55 10.53 -3.57
C ASN A 253 -5.04 11.63 -2.63
N ILE A 254 -4.38 11.76 -1.48
CA ILE A 254 -4.79 12.71 -0.46
C ILE A 254 -3.86 13.91 -0.41
N ILE A 255 -4.46 15.09 -0.35
CA ILE A 255 -3.70 16.32 -0.17
C ILE A 255 -3.74 16.71 1.31
N GLY A 256 -2.67 16.41 2.03
CA GLY A 256 -2.61 16.70 3.45
C GLY A 256 -1.31 16.27 4.10
N ALA A 257 -1.22 16.49 5.40
CA ALA A 257 -0.03 16.14 6.18
C ALA A 257 -0.33 14.94 7.06
N PHE A 258 0.31 13.82 6.73
CA PHE A 258 0.13 12.60 7.51
C PHE A 258 1.26 12.46 8.52
N THR A 259 0.89 12.22 9.77
CA THR A 259 1.87 12.01 10.83
C THR A 259 1.37 10.88 11.70
N ALA A 260 2.25 9.94 12.04
CA ALA A 260 1.85 8.79 12.82
C ALA A 260 2.96 8.29 13.74
N TYR A 261 2.56 7.74 14.88
CA TYR A 261 3.48 7.20 15.86
C TYR A 261 3.08 5.78 16.23
N LYS A 262 3.97 4.83 15.98
CA LYS A 262 3.71 3.42 16.26
C LYS A 262 2.44 2.94 15.56
N SER A 263 2.11 3.56 14.43
CA SER A 263 0.91 3.20 13.70
C SER A 263 1.11 1.91 12.91
N GLY A 264 -0.01 1.31 12.49
CA GLY A 264 0.00 0.10 11.71
C GLY A 264 -1.18 0.09 10.75
N HIS A 265 -1.48 -1.06 10.17
CA HIS A 265 -2.58 -1.16 9.21
C HIS A 265 -3.89 -0.72 9.86
N ALA A 266 -4.18 -1.28 11.04
CA ALA A 266 -5.45 -1.04 11.71
C ALA A 266 -5.69 0.43 12.02
N LEU A 267 -4.65 1.10 12.52
CA LEU A 267 -4.78 2.49 12.93
C LEU A 267 -4.80 3.41 11.72
N ASN A 268 -4.03 3.07 10.69
CA ASN A 268 -4.01 3.85 9.45
C ASN A 268 -5.38 3.85 8.82
N ASN A 269 -6.02 2.69 8.82
CA ASN A 269 -7.36 2.54 8.27
C ASN A 269 -8.39 3.25 9.14
N LYS A 270 -8.17 3.24 10.45
CA LYS A 270 -9.07 3.91 11.38
C LYS A 270 -9.06 5.41 11.12
N LEU A 271 -7.89 5.93 10.78
CA LEU A 271 -7.76 7.35 10.47
C LEU A 271 -8.46 7.66 9.15
N LEU A 272 -8.22 6.83 8.15
CA LEU A 272 -8.82 7.01 6.83
C LEU A 272 -10.35 7.06 6.94
N GLN A 273 -10.91 6.12 7.70
CA GLN A 273 -12.37 6.06 7.86
C GLN A 273 -12.89 7.24 8.66
N ALA A 274 -12.12 7.66 9.67
CA ALA A 274 -12.53 8.76 10.52
C ALA A 274 -12.63 10.05 9.71
N VAL A 275 -11.63 10.28 8.86
CA VAL A 275 -11.60 11.44 7.99
C VAL A 275 -12.79 11.44 7.02
N LEU A 276 -12.96 10.32 6.31
CA LEU A 276 -14.00 10.22 5.30
C LEU A 276 -15.40 10.31 5.89
N ALA A 277 -15.55 9.86 7.13
CA ALA A 277 -16.85 9.86 7.80
C ALA A 277 -17.25 11.27 8.21
N LYS A 278 -16.27 12.14 8.41
CA LYS A 278 -16.51 13.51 8.82
C LYS A 278 -16.58 14.43 7.60
N GLN A 279 -17.81 14.82 7.24
CA GLN A 279 -18.06 15.59 6.04
C GLN A 279 -17.26 16.89 5.99
N GLU A 280 -17.09 17.53 7.13
CA GLU A 280 -16.43 18.83 7.21
C GLU A 280 -14.91 18.73 7.11
N ALA A 281 -14.39 17.54 7.38
CA ALA A 281 -12.95 17.35 7.51
C ALA A 281 -12.22 17.18 6.17
N TRP A 282 -12.97 17.17 5.07
CA TRP A 282 -12.37 16.96 3.76
C TRP A 282 -13.30 17.35 2.61
N GLU A 283 -12.74 17.43 1.42
CA GLU A 283 -13.52 17.72 0.21
C GLU A 283 -12.79 17.21 -1.03
N TYR A 284 -13.54 16.83 -2.05
CA TYR A 284 -12.95 16.50 -3.33
C TYR A 284 -12.50 17.79 -4.01
N VAL A 285 -11.31 17.76 -4.62
CA VAL A 285 -10.86 18.86 -5.44
C VAL A 285 -10.33 18.32 -6.76
N THR A 286 -10.53 19.07 -7.83
CA THR A 286 -9.93 18.73 -9.11
C THR A 286 -9.09 19.91 -9.57
N PHE A 287 -8.27 19.69 -10.59
CA PHE A 287 -7.41 20.74 -11.10
C PHE A 287 -7.61 20.91 -12.61
N GLN A 288 -8.48 21.84 -12.99
CA GLN A 288 -8.66 22.16 -14.39
C GLN A 288 -7.38 22.81 -14.90
N ASP A 289 -6.73 23.56 -14.02
CA ASP A 289 -5.43 24.15 -14.31
C ASP A 289 -4.35 23.21 -13.79
N ASP A 290 -3.51 22.71 -14.69
CA ASP A 290 -2.47 21.74 -14.32
C ASP A 290 -1.40 22.36 -13.44
N ALA A 291 -1.29 23.68 -13.49
CA ALA A 291 -0.28 24.39 -12.71
C ALA A 291 -0.61 24.38 -11.22
N GLU A 292 -1.90 24.40 -10.90
CA GLU A 292 -2.35 24.45 -9.51
C GLU A 292 -2.03 23.15 -8.77
N LEU A 293 -1.82 22.08 -9.53
CA LEU A 293 -1.53 20.76 -8.96
C LEU A 293 -0.28 20.80 -8.08
N PRO A 294 -0.41 20.41 -6.81
CA PRO A 294 0.74 20.41 -5.89
C PRO A 294 1.88 19.53 -6.38
N LEU A 295 3.09 19.84 -5.93
CA LEU A 295 4.31 19.20 -6.40
C LEU A 295 4.23 17.67 -6.31
N ALA A 296 3.72 17.19 -5.19
CA ALA A 296 3.74 15.77 -4.87
C ALA A 296 3.06 14.89 -5.92
N PHE A 297 2.05 15.43 -6.61
CA PHE A 297 1.22 14.58 -7.47
C PHE A 297 1.46 14.80 -8.97
N LYS A 298 2.70 15.15 -9.32
CA LYS A 298 3.10 15.28 -10.72
C LYS A 298 3.39 13.91 -11.34
N ALA A 299 3.24 13.82 -12.66
CA ALA A 299 3.51 12.56 -13.37
C ALA A 299 5.00 12.23 -13.34
N PRO A 300 5.34 10.93 -13.36
CA PRO A 300 6.75 10.54 -13.37
C PRO A 300 7.42 10.86 -14.71
#